data_4U45
#
_entry.id   4U45
#
_cell.length_a   79.915
_cell.length_b   89.018
_cell.length_c   91.396
_cell.angle_alpha   90.000
_cell.angle_beta   90.000
_cell.angle_gamma   90.000
#
_symmetry.space_group_name_H-M   'P 21 21 21'
#
loop_
_entity.id
_entity.type
_entity.pdbx_description
1 polymer 'Mitogen-activated protein kinase kinase kinase kinase 4'
2 non-polymer 'MAGNESIUM ION'
3 non-polymer 6-(1H-pyrazol-4-yl)-N-(pyridin-4-yl)pyrrolo[2,1-f][1,2,4]triazin-4-amine
4 non-polymer '2-(N-MORPHOLINO)-ETHANESULFONIC ACID'
5 water water
#
_entity_poly.entity_id   1
_entity_poly.type   'polypeptide(L)'
_entity_poly.pdbx_seq_one_letter_code
;GSANDSPAKSLVDIDLSSLRDPAGIFELVEVVGNGTYGQVYKGRHVKTGQLAAIKVMDVTEDEEEEIKLEINMLKKYSHH
RNIATYYGAFIKKSPPGHDDQLWLVMEFCGAGSITDLVKNTKGNTLKEDWIAYISREILRGLAHLHIHHVIHRDIKGQNV
LLTENAEVKLVDFGVSAQLDRTVGRRNTFIGTPYWMAPEVIACDENPDATYDYRSDLWSCGITAIEMAEGAPPLCDMHPM
RALFLIPRNPPPRLKSKKWSKKFFSFIEGCLVKNYMQRPSTEQLLKHPFIRDQPNERQVRIQLKDHIDRTRKKRGEKDET
EYEYSGSEEGNS
;
_entity_poly.pdbx_strand_id   A,B
#
# COMPACT_ATOMS: atom_id res chain seq x y z
N ASP A 13 13.08 1.17 24.84
CA ASP A 13 14.51 1.10 24.57
C ASP A 13 14.93 -0.12 23.73
N ILE A 14 15.53 0.15 22.55
CA ILE A 14 16.07 -0.82 21.59
C ILE A 14 17.05 -0.12 20.65
N ASP A 15 18.27 -0.66 20.55
CA ASP A 15 19.29 -0.10 19.67
C ASP A 15 19.64 -1.09 18.57
N LEU A 16 19.55 -0.63 17.31
CA LEU A 16 19.82 -1.42 16.10
C LEU A 16 21.26 -1.95 16.05
N SER A 17 22.21 -1.24 16.70
CA SER A 17 23.63 -1.59 16.79
C SER A 17 23.89 -2.93 17.52
N SER A 18 23.11 -3.21 18.58
CA SER A 18 23.23 -4.43 19.40
C SER A 18 22.59 -5.66 18.73
N LEU A 19 21.61 -5.43 17.83
CA LEU A 19 20.85 -6.46 17.12
C LEU A 19 21.73 -7.35 16.23
N ARG A 20 21.67 -8.68 16.51
CA ARG A 20 22.45 -9.72 15.82
C ARG A 20 21.86 -10.13 14.46
N ASP A 21 22.65 -10.88 13.66
CA ASP A 21 22.22 -11.42 12.38
C ASP A 21 21.31 -12.64 12.68
N PRO A 22 20.20 -12.85 11.92
CA PRO A 22 19.32 -14.00 12.24
C PRO A 22 19.84 -15.39 11.86
N ALA A 23 20.96 -15.48 11.10
CA ALA A 23 21.55 -16.74 10.62
C ALA A 23 21.84 -17.71 11.73
N GLY A 24 21.24 -18.90 11.62
CA GLY A 24 21.37 -19.97 12.59
C GLY A 24 20.35 -19.91 13.71
N ILE A 25 19.64 -18.77 13.83
CA ILE A 25 18.63 -18.53 14.88
C ILE A 25 17.23 -18.66 14.30
N PHE A 26 16.96 -17.96 13.19
CA PHE A 26 15.67 -17.98 12.48
C PHE A 26 15.90 -18.07 11.00
N GLU A 27 15.01 -18.80 10.34
CA GLU A 27 14.97 -18.98 8.89
C GLU A 27 13.56 -18.74 8.37
N LEU A 28 13.47 -18.21 7.14
CA LEU A 28 12.18 -17.93 6.49
C LEU A 28 11.76 -19.15 5.71
N VAL A 29 10.46 -19.41 5.65
CA VAL A 29 9.90 -20.55 4.94
C VAL A 29 9.15 -20.08 3.67
N GLU A 30 7.93 -19.53 3.85
CA GLU A 30 7.07 -19.04 2.78
C GLU A 30 6.43 -17.73 3.20
N VAL A 31 6.17 -16.85 2.24
CA VAL A 31 5.49 -15.59 2.52
C VAL A 31 3.99 -15.87 2.87
N VAL A 32 3.51 -15.27 3.96
CA VAL A 32 2.13 -15.41 4.45
C VAL A 32 1.38 -14.07 4.43
N GLY A 33 2.00 -13.05 3.82
CA GLY A 33 1.43 -11.72 3.67
C GLY A 33 2.42 -10.57 3.70
N ASN A 34 1.92 -9.42 4.16
CA ASN A 34 2.62 -8.14 4.31
C ASN A 34 1.97 -7.36 5.46
N GLY A 35 2.66 -6.33 5.95
CA GLY A 35 2.16 -5.46 7.01
C GLY A 35 1.91 -4.07 6.47
N THR A 36 2.08 -3.03 7.31
CA THR A 36 1.97 -1.63 6.89
C THR A 36 3.16 -1.40 5.91
N TYR A 37 4.34 -1.87 6.33
CA TYR A 37 5.61 -1.86 5.60
C TYR A 37 6.29 -3.22 5.85
N GLY A 38 6.75 -3.84 4.78
CA GLY A 38 7.44 -5.13 4.85
C GLY A 38 6.58 -6.37 4.78
N GLN A 39 7.13 -7.44 4.16
CA GLN A 39 6.51 -8.74 3.97
C GLN A 39 6.53 -9.59 5.23
N VAL A 40 5.50 -10.40 5.43
CA VAL A 40 5.39 -11.29 6.59
C VAL A 40 5.57 -12.71 6.11
N TYR A 41 6.62 -13.37 6.60
CA TYR A 41 6.99 -14.75 6.30
C TYR A 41 6.63 -15.65 7.44
N LYS A 42 6.35 -16.92 7.12
CA LYS A 42 6.19 -18.00 8.08
C LYS A 42 7.66 -18.33 8.26
N GLY A 43 8.13 -18.23 9.48
CA GLY A 43 9.51 -18.50 9.83
C GLY A 43 9.57 -19.72 10.70
N ARG A 44 10.80 -20.13 11.05
CA ARG A 44 11.10 -21.31 11.84
C ARG A 44 12.33 -21.07 12.70
N HIS A 45 12.23 -21.37 14.02
CA HIS A 45 13.34 -21.25 14.96
C HIS A 45 14.23 -22.44 14.66
N VAL A 46 15.36 -22.22 13.96
CA VAL A 46 16.29 -23.25 13.47
C VAL A 46 16.51 -24.42 14.44
N LYS A 47 16.90 -24.13 15.69
CA LYS A 47 17.25 -25.11 16.72
C LYS A 47 16.11 -26.03 17.19
N THR A 48 14.87 -25.53 17.22
CA THR A 48 13.71 -26.30 17.69
C THR A 48 12.75 -26.71 16.58
N GLY A 49 12.70 -25.94 15.50
CA GLY A 49 11.80 -26.16 14.38
C GLY A 49 10.46 -25.47 14.59
N GLN A 50 10.32 -24.78 15.74
CA GLN A 50 9.12 -24.07 16.14
C GLN A 50 8.83 -22.93 15.19
N LEU A 51 7.58 -22.80 14.77
CA LEU A 51 7.15 -21.75 13.86
C LEU A 51 7.05 -20.39 14.56
N ALA A 52 7.43 -19.34 13.82
CA ALA A 52 7.35 -17.95 14.25
C ALA A 52 7.09 -17.10 13.02
N ALA A 53 6.30 -16.03 13.19
CA ALA A 53 6.02 -15.09 12.12
C ALA A 53 7.15 -14.08 12.10
N ILE A 54 7.74 -13.90 10.92
CA ILE A 54 8.86 -13.00 10.72
C ILE A 54 8.44 -11.87 9.78
N LYS A 55 8.56 -10.61 10.26
CA LYS A 55 8.25 -9.41 9.48
C LYS A 55 9.58 -8.85 8.97
N VAL A 56 9.84 -9.00 7.65
CA VAL A 56 11.08 -8.55 7.04
C VAL A 56 10.87 -7.18 6.36
N MET A 57 11.47 -6.13 6.96
CA MET A 57 11.37 -4.73 6.54
C MET A 57 12.74 -4.15 6.19
N ASP A 58 12.81 -3.42 5.07
CA ASP A 58 14.04 -2.77 4.61
C ASP A 58 14.29 -1.49 5.41
N VAL A 59 15.43 -1.41 6.11
CA VAL A 59 15.79 -0.20 6.88
C VAL A 59 16.42 0.84 5.93
N THR A 60 15.63 1.89 5.63
CA THR A 60 15.94 2.99 4.71
C THR A 60 15.83 4.35 5.44
N GLU A 61 15.56 5.42 4.67
CA GLU A 61 15.33 6.81 5.09
C GLU A 61 13.86 6.93 5.56
N ASP A 62 13.64 7.62 6.70
CA ASP A 62 12.34 7.84 7.37
C ASP A 62 11.79 6.55 8.00
N GLU A 63 11.80 5.42 7.23
CA GLU A 63 11.36 4.08 7.66
C GLU A 63 12.22 3.59 8.83
N GLU A 64 13.48 4.11 8.96
CA GLU A 64 14.44 3.82 10.02
C GLU A 64 13.85 4.03 11.42
N GLU A 65 13.07 5.12 11.61
CA GLU A 65 12.42 5.46 12.87
C GLU A 65 11.02 4.85 12.97
N GLU A 66 10.36 4.63 11.80
CA GLU A 66 9.01 4.03 11.70
C GLU A 66 9.05 2.55 12.13
N ILE A 67 10.05 1.78 11.60
CA ILE A 67 10.24 0.37 11.92
C ILE A 67 10.76 0.21 13.36
N LYS A 68 11.63 1.16 13.83
CA LYS A 68 12.19 1.20 15.18
C LYS A 68 11.09 1.31 16.23
N LEU A 69 10.03 2.09 15.93
CA LEU A 69 8.87 2.31 16.79
C LEU A 69 8.07 1.04 17.03
N GLU A 70 7.73 0.31 15.93
CA GLU A 70 6.98 -0.96 15.96
C GLU A 70 7.61 -1.97 16.91
N ILE A 71 8.96 -2.02 16.94
CA ILE A 71 9.78 -2.89 17.81
C ILE A 71 9.52 -2.58 19.30
N ASN A 72 9.53 -1.30 19.67
CA ASN A 72 9.29 -0.86 21.06
C ASN A 72 7.86 -1.14 21.56
N MET A 73 6.86 -0.99 20.68
CA MET A 73 5.48 -1.24 21.07
C MET A 73 5.24 -2.74 21.18
N LEU A 74 5.61 -3.51 20.13
CA LEU A 74 5.52 -4.97 20.09
C LEU A 74 6.22 -5.59 21.29
N LYS A 75 7.42 -5.11 21.66
CA LYS A 75 8.21 -5.61 22.80
C LYS A 75 7.50 -5.43 24.15
N LYS A 76 7.01 -4.21 24.41
CA LYS A 76 6.39 -3.84 25.68
C LYS A 76 4.90 -4.18 25.85
N TYR A 77 4.08 -4.18 24.78
CA TYR A 77 2.62 -4.35 24.95
C TYR A 77 2.01 -5.69 24.51
N SER A 78 2.82 -6.61 23.95
CA SER A 78 2.38 -7.93 23.47
C SER A 78 2.30 -9.01 24.55
N HIS A 79 2.45 -8.63 25.81
CA HIS A 79 2.45 -9.57 26.93
C HIS A 79 1.02 -9.97 27.39
N HIS A 80 0.07 -10.08 26.45
CA HIS A 80 -1.34 -10.40 26.70
C HIS A 80 -1.72 -11.50 25.73
N ARG A 81 -2.59 -12.42 26.16
CA ARG A 81 -3.07 -13.56 25.38
C ARG A 81 -3.81 -13.18 24.08
N ASN A 82 -4.30 -11.93 23.99
CA ASN A 82 -5.04 -11.48 22.82
C ASN A 82 -4.21 -10.59 21.89
N ILE A 83 -2.88 -10.56 22.13
CA ILE A 83 -1.88 -9.87 21.33
C ILE A 83 -0.74 -10.86 21.03
N ALA A 84 -0.40 -11.06 19.74
CA ALA A 84 0.67 -11.94 19.27
C ALA A 84 2.00 -11.50 19.86
N THR A 85 2.58 -12.39 20.68
CA THR A 85 3.80 -12.17 21.47
C THR A 85 5.06 -11.92 20.64
N TYR A 86 5.79 -10.86 21.03
CA TYR A 86 7.08 -10.46 20.45
C TYR A 86 8.14 -11.48 20.95
N TYR A 87 8.94 -12.02 20.03
CA TYR A 87 10.01 -12.97 20.34
C TYR A 87 11.33 -12.23 20.36
N GLY A 88 11.69 -11.61 19.23
CA GLY A 88 12.94 -10.86 19.10
C GLY A 88 13.05 -10.08 17.82
N ALA A 89 14.20 -9.41 17.64
CA ALA A 89 14.49 -8.58 16.48
C ALA A 89 15.93 -8.82 16.03
N PHE A 90 16.17 -8.80 14.71
CA PHE A 90 17.46 -9.13 14.09
C PHE A 90 17.66 -8.27 12.85
N ILE A 91 18.94 -8.09 12.45
CA ILE A 91 19.32 -7.35 11.24
C ILE A 91 20.22 -8.22 10.38
N LYS A 92 19.76 -8.56 9.16
CA LYS A 92 20.53 -9.33 8.19
C LYS A 92 21.19 -8.24 7.34
N LYS A 93 22.35 -7.74 7.83
CA LYS A 93 23.11 -6.67 7.20
C LYS A 93 23.51 -7.00 5.76
N SER A 94 23.12 -6.10 4.85
CA SER A 94 23.38 -6.15 3.42
C SER A 94 24.48 -5.08 3.13
N PRO A 95 25.07 -4.93 1.89
CA PRO A 95 26.14 -3.91 1.70
C PRO A 95 25.85 -2.50 2.25
N PRO A 96 26.87 -1.78 2.80
CA PRO A 96 26.61 -0.44 3.37
C PRO A 96 26.13 0.60 2.35
N ASP A 99 22.07 -1.03 2.50
CA ASP A 99 20.66 -0.94 2.90
C ASP A 99 20.17 -2.28 3.51
N ASP A 100 20.38 -2.43 4.84
CA ASP A 100 20.09 -3.61 5.66
C ASP A 100 18.61 -4.08 5.65
N GLN A 101 18.37 -5.28 6.23
CA GLN A 101 17.05 -5.91 6.33
C GLN A 101 16.77 -6.26 7.79
N LEU A 102 15.66 -5.76 8.36
CA LEU A 102 15.29 -6.09 9.73
C LEU A 102 14.21 -7.17 9.81
N TRP A 103 14.48 -8.22 10.60
CA TRP A 103 13.56 -9.32 10.86
C TRP A 103 12.92 -9.10 12.23
N LEU A 104 11.60 -8.89 12.25
CA LEU A 104 10.87 -8.71 13.51
C LEU A 104 10.11 -10.00 13.76
N VAL A 105 10.51 -10.73 14.82
CA VAL A 105 10.01 -12.08 15.10
C VAL A 105 9.00 -12.08 16.21
N MET A 106 7.88 -12.74 15.95
CA MET A 106 6.77 -12.89 16.88
C MET A 106 6.10 -14.25 16.71
N GLU A 107 5.17 -14.54 17.61
CA GLU A 107 4.36 -15.74 17.66
C GLU A 107 3.61 -15.95 16.35
N PHE A 108 3.68 -17.20 15.81
CA PHE A 108 3.01 -17.55 14.56
C PHE A 108 1.58 -17.93 14.83
N CYS A 109 0.66 -17.43 14.00
CA CYS A 109 -0.76 -17.74 14.12
C CYS A 109 -1.20 -18.54 12.89
N GLY A 110 -1.07 -19.87 13.01
CA GLY A 110 -1.28 -20.87 11.96
C GLY A 110 -2.56 -20.84 11.16
N ALA A 111 -3.70 -20.59 11.80
CA ALA A 111 -5.02 -20.60 11.15
C ALA A 111 -5.33 -19.36 10.26
N GLY A 112 -4.43 -18.39 10.23
CA GLY A 112 -4.57 -17.17 9.43
C GLY A 112 -5.50 -16.13 10.01
N SER A 113 -5.80 -15.12 9.19
CA SER A 113 -6.66 -14.00 9.59
C SER A 113 -8.14 -14.36 9.64
N ILE A 114 -8.93 -13.50 10.30
CA ILE A 114 -10.36 -13.74 10.36
C ILE A 114 -11.00 -13.42 8.98
N THR A 115 -10.31 -12.60 8.14
CA THR A 115 -10.71 -12.29 6.77
C THR A 115 -10.66 -13.59 5.97
N ASP A 116 -9.56 -14.37 6.14
CA ASP A 116 -9.35 -15.66 5.52
C ASP A 116 -10.44 -16.64 5.96
N LEU A 117 -10.78 -16.64 7.26
CA LEU A 117 -11.82 -17.51 7.81
C LEU A 117 -13.15 -17.34 7.09
N VAL A 118 -13.73 -16.13 7.13
CA VAL A 118 -15.02 -15.80 6.53
C VAL A 118 -14.98 -16.06 4.98
N LYS A 119 -13.83 -15.77 4.33
CA LYS A 119 -13.60 -16.04 2.90
C LYS A 119 -13.70 -17.55 2.57
N ASN A 120 -13.25 -18.42 3.52
CA ASN A 120 -13.23 -19.89 3.41
C ASN A 120 -14.40 -20.53 4.19
N THR A 121 -15.54 -19.84 4.22
CA THR A 121 -16.76 -20.29 4.87
C THR A 121 -17.90 -20.16 3.87
N LYS A 122 -18.78 -21.18 3.81
CA LYS A 122 -19.94 -21.23 2.93
C LYS A 122 -20.82 -19.99 3.19
N GLY A 123 -21.16 -19.29 2.12
CA GLY A 123 -21.97 -18.09 2.17
C GLY A 123 -21.31 -16.86 2.77
N ASN A 124 -19.97 -16.92 2.96
CA ASN A 124 -19.08 -15.88 3.51
C ASN A 124 -19.68 -15.15 4.72
N THR A 125 -20.08 -15.93 5.72
CA THR A 125 -20.68 -15.46 6.96
C THR A 125 -20.32 -16.41 8.06
N LEU A 126 -20.19 -15.90 9.30
CA LEU A 126 -19.87 -16.72 10.45
C LEU A 126 -21.08 -16.76 11.36
N LYS A 127 -21.22 -17.84 12.17
CA LYS A 127 -22.31 -17.99 13.13
C LYS A 127 -22.17 -16.87 14.13
N GLU A 128 -23.31 -16.31 14.57
CA GLU A 128 -23.33 -15.21 15.53
C GLU A 128 -22.47 -15.46 16.79
N ASP A 129 -22.53 -16.68 17.37
CA ASP A 129 -21.76 -17.03 18.57
C ASP A 129 -20.24 -17.01 18.31
N TRP A 130 -19.82 -17.27 17.06
CA TRP A 130 -18.41 -17.16 16.63
C TRP A 130 -18.00 -15.68 16.65
N ILE A 131 -18.88 -14.80 16.13
CA ILE A 131 -18.70 -13.34 16.08
C ILE A 131 -18.60 -12.79 17.50
N ALA A 132 -19.43 -13.30 18.42
CA ALA A 132 -19.43 -12.91 19.84
C ALA A 132 -18.12 -13.25 20.53
N TYR A 133 -17.58 -14.48 20.25
CA TYR A 133 -16.32 -14.93 20.83
C TYR A 133 -15.17 -14.13 20.29
N ILE A 134 -15.06 -14.01 18.95
CA ILE A 134 -13.97 -13.27 18.30
C ILE A 134 -13.95 -11.79 18.72
N SER A 135 -15.11 -11.10 18.68
CA SER A 135 -15.21 -9.69 19.06
C SER A 135 -14.73 -9.43 20.48
N ARG A 136 -15.12 -10.31 21.45
CA ARG A 136 -14.71 -10.22 22.86
C ARG A 136 -13.19 -10.34 23.00
N GLU A 137 -12.57 -11.23 22.21
CA GLU A 137 -11.12 -11.44 22.24
C GLU A 137 -10.38 -10.21 21.69
N ILE A 138 -10.92 -9.58 20.61
CA ILE A 138 -10.42 -8.32 20.04
C ILE A 138 -10.55 -7.24 21.13
N LEU A 139 -11.73 -7.15 21.75
CA LEU A 139 -11.98 -6.17 22.80
C LEU A 139 -11.03 -6.30 24.00
N ARG A 140 -10.77 -7.54 24.45
CA ARG A 140 -9.84 -7.84 25.55
C ARG A 140 -8.40 -7.41 25.25
N GLY A 141 -7.94 -7.68 24.04
CA GLY A 141 -6.63 -7.22 23.57
C GLY A 141 -6.59 -5.71 23.49
N LEU A 142 -7.72 -5.09 23.06
CA LEU A 142 -7.83 -3.61 22.95
C LEU A 142 -7.76 -2.96 24.31
N ALA A 143 -8.49 -3.52 25.29
CA ALA A 143 -8.52 -3.02 26.66
C ALA A 143 -7.10 -2.98 27.23
N HIS A 144 -6.31 -4.02 26.99
CA HIS A 144 -4.93 -4.11 27.42
C HIS A 144 -4.07 -3.02 26.82
N LEU A 145 -4.25 -2.72 25.52
CA LEU A 145 -3.52 -1.66 24.84
C LEU A 145 -3.94 -0.29 25.38
N HIS A 146 -5.27 -0.08 25.53
CA HIS A 146 -5.85 1.19 25.98
C HIS A 146 -5.45 1.56 27.41
N ILE A 147 -5.28 0.58 28.34
CA ILE A 147 -4.80 0.88 29.71
C ILE A 147 -3.34 1.30 29.71
N HIS A 148 -2.57 0.81 28.72
CA HIS A 148 -1.17 1.12 28.49
C HIS A 148 -1.02 2.38 27.59
N HIS A 149 -2.15 3.12 27.37
CA HIS A 149 -2.23 4.37 26.61
C HIS A 149 -1.79 4.21 25.14
N VAL A 150 -2.19 3.09 24.54
CA VAL A 150 -1.86 2.74 23.15
C VAL A 150 -3.14 2.55 22.33
N ILE A 151 -3.21 3.15 21.15
CA ILE A 151 -4.32 3.01 20.21
C ILE A 151 -3.75 2.13 19.11
N HIS A 152 -4.45 1.04 18.78
CA HIS A 152 -3.99 0.14 17.71
C HIS A 152 -3.96 0.84 16.36
N ARG A 153 -5.05 1.59 16.02
CA ARG A 153 -5.24 2.40 14.81
C ARG A 153 -5.45 1.62 13.50
N ASP A 154 -5.33 0.27 13.50
CA ASP A 154 -5.57 -0.54 12.29
C ASP A 154 -6.31 -1.86 12.59
N ILE A 155 -7.40 -1.77 13.36
CA ILE A 155 -8.21 -2.94 13.65
C ILE A 155 -9.04 -3.28 12.41
N LYS A 156 -8.82 -4.47 11.87
CA LYS A 156 -9.48 -5.01 10.68
C LYS A 156 -9.31 -6.49 10.73
N GLY A 157 -10.11 -7.22 9.97
CA GLY A 157 -10.06 -8.67 9.92
C GLY A 157 -8.71 -9.23 9.54
N GLN A 158 -7.93 -8.48 8.75
CA GLN A 158 -6.58 -8.87 8.33
C GLN A 158 -5.56 -8.83 9.48
N ASN A 159 -5.81 -8.00 10.50
CA ASN A 159 -4.96 -7.86 11.69
C ASN A 159 -5.49 -8.62 12.89
N VAL A 160 -6.43 -9.54 12.67
CA VAL A 160 -7.00 -10.37 13.74
C VAL A 160 -6.78 -11.79 13.27
N LEU A 161 -5.83 -12.44 13.93
CA LEU A 161 -5.43 -13.78 13.56
C LEU A 161 -5.85 -14.85 14.54
N LEU A 162 -5.92 -16.07 14.00
CA LEU A 162 -6.27 -17.25 14.77
C LEU A 162 -5.10 -18.22 14.83
N THR A 163 -4.93 -18.90 15.97
CA THR A 163 -3.92 -19.95 16.14
C THR A 163 -4.59 -21.26 15.76
N GLU A 164 -3.83 -22.37 15.68
CA GLU A 164 -4.36 -23.70 15.33
C GLU A 164 -5.38 -24.18 16.36
N ASN A 165 -5.36 -23.61 17.60
CA ASN A 165 -6.27 -23.95 18.67
C ASN A 165 -7.31 -22.87 19.00
N ALA A 166 -7.77 -22.17 17.95
CA ALA A 166 -8.81 -21.13 17.94
C ALA A 166 -8.60 -19.97 18.95
N GLU A 167 -7.32 -19.61 19.24
CA GLU A 167 -7.03 -18.45 20.10
C GLU A 167 -7.01 -17.23 19.20
N VAL A 168 -7.50 -16.10 19.68
CA VAL A 168 -7.57 -14.86 18.91
C VAL A 168 -6.48 -13.90 19.36
N LYS A 169 -5.67 -13.44 18.39
CA LYS A 169 -4.55 -12.53 18.64
C LYS A 169 -4.47 -11.32 17.69
N LEU A 170 -4.13 -10.14 18.25
CA LEU A 170 -3.97 -8.91 17.46
C LEU A 170 -2.53 -8.73 17.01
N VAL A 171 -2.34 -8.28 15.76
CA VAL A 171 -1.03 -7.99 15.17
C VAL A 171 -1.00 -6.58 14.57
N ASP A 172 0.21 -6.19 14.13
CA ASP A 172 0.62 -4.99 13.43
C ASP A 172 0.48 -3.71 14.24
N PHE A 173 1.64 -3.23 14.71
CA PHE A 173 1.77 -1.96 15.40
C PHE A 173 2.38 -0.89 14.43
N GLY A 174 2.31 -1.17 13.12
CA GLY A 174 2.83 -0.32 12.04
C GLY A 174 2.20 1.06 11.87
N VAL A 175 0.94 1.22 12.30
CA VAL A 175 0.19 2.48 12.23
C VAL A 175 0.05 3.07 13.65
N SER A 176 0.08 2.19 14.68
CA SER A 176 -0.12 2.46 16.12
C SER A 176 0.52 3.72 16.69
N ALA A 177 -0.17 4.29 17.69
CA ALA A 177 0.20 5.49 18.43
C ALA A 177 0.21 5.22 19.94
N ASN A 187 2.88 5.07 7.55
CA ASN A 187 4.19 5.67 7.29
C ASN A 187 4.07 6.92 6.38
N THR A 188 4.14 6.72 5.04
CA THR A 188 4.00 7.71 3.96
C THR A 188 2.82 7.27 3.05
N PHE A 189 2.32 6.05 3.30
CA PHE A 189 1.23 5.42 2.57
C PHE A 189 -0.05 5.39 3.40
N ILE A 190 -1.20 5.65 2.75
CA ILE A 190 -2.46 5.56 3.46
C ILE A 190 -2.93 4.16 3.08
N GLY A 191 -3.29 3.38 4.08
CA GLY A 191 -3.80 2.04 3.87
C GLY A 191 -5.24 1.96 3.40
N THR A 192 -5.89 0.84 3.71
CA THR A 192 -7.28 0.59 3.37
C THR A 192 -8.21 1.45 4.29
N PRO A 193 -9.24 2.12 3.74
CA PRO A 193 -10.07 3.02 4.58
C PRO A 193 -11.30 2.45 5.26
N TYR A 194 -11.76 1.26 4.87
CA TYR A 194 -13.05 0.67 5.26
C TYR A 194 -13.29 0.46 6.75
N TRP A 195 -12.26 0.23 7.54
CA TRP A 195 -12.41 0.03 8.98
C TRP A 195 -12.11 1.31 9.76
N MET A 196 -11.82 2.42 9.07
CA MET A 196 -11.50 3.71 9.69
C MET A 196 -12.71 4.41 10.29
N ALA A 197 -12.55 4.98 11.49
CA ALA A 197 -13.59 5.71 12.19
C ALA A 197 -13.78 7.09 11.56
N PRO A 198 -14.98 7.71 11.62
CA PRO A 198 -15.15 9.03 11.02
C PRO A 198 -14.15 10.11 11.46
N GLU A 199 -13.77 10.09 12.75
CA GLU A 199 -12.87 11.09 13.34
C GLU A 199 -11.42 10.97 12.90
N VAL A 200 -11.01 9.82 12.35
CA VAL A 200 -9.63 9.65 11.92
C VAL A 200 -9.43 10.20 10.50
N ILE A 201 -10.53 10.52 9.80
CA ILE A 201 -10.53 11.06 8.45
C ILE A 201 -10.70 12.60 8.52
N ALA A 202 -9.72 13.32 7.97
CA ALA A 202 -9.69 14.77 7.97
C ALA A 202 -10.64 15.34 6.94
N CYS A 203 -11.43 16.35 7.36
CA CYS A 203 -12.40 17.06 6.51
C CYS A 203 -12.62 18.49 7.05
N ASP A 204 -13.44 19.32 6.38
CA ASP A 204 -13.67 20.74 6.71
C ASP A 204 -13.89 21.04 8.20
N GLU A 205 -14.75 20.24 8.88
CA GLU A 205 -15.03 20.45 10.30
C GLU A 205 -14.15 19.58 11.23
N ASN A 206 -13.26 18.73 10.65
CA ASN A 206 -12.32 17.87 11.37
C ASN A 206 -10.91 18.01 10.72
N PRO A 207 -10.26 19.21 10.73
CA PRO A 207 -8.96 19.38 10.03
C PRO A 207 -7.77 18.61 10.58
N ASP A 208 -7.70 18.42 11.91
CA ASP A 208 -6.55 17.75 12.54
C ASP A 208 -6.88 16.29 12.92
N ALA A 209 -7.78 15.61 12.13
CA ALA A 209 -8.33 14.27 12.35
C ALA A 209 -8.89 14.26 13.77
N THR A 210 -8.33 13.48 14.72
CA THR A 210 -8.54 13.36 16.20
C THR A 210 -8.70 11.91 16.66
N TYR A 211 -7.57 11.16 16.63
CA TYR A 211 -7.45 9.78 17.11
C TYR A 211 -7.61 9.79 18.68
N ASP A 212 -8.56 9.00 19.17
CA ASP A 212 -8.86 8.77 20.58
C ASP A 212 -8.98 7.22 20.59
N TYR A 213 -8.85 6.56 21.76
CA TYR A 213 -8.88 5.09 21.87
C TYR A 213 -10.16 4.45 21.28
N ARG A 214 -11.28 5.19 21.32
CA ARG A 214 -12.60 4.78 20.83
C ARG A 214 -12.65 4.53 19.34
N SER A 215 -11.63 4.99 18.60
CA SER A 215 -11.45 4.77 17.17
C SER A 215 -11.30 3.27 16.87
N ASP A 216 -10.69 2.53 17.80
CA ASP A 216 -10.49 1.08 17.63
C ASP A 216 -11.80 0.32 17.80
N LEU A 217 -12.74 0.90 18.56
CA LEU A 217 -14.05 0.29 18.83
C LEU A 217 -14.93 0.37 17.61
N TRP A 218 -14.86 1.49 16.85
CA TRP A 218 -15.57 1.63 15.58
C TRP A 218 -15.03 0.50 14.67
N SER A 219 -13.68 0.43 14.54
CA SER A 219 -12.98 -0.56 13.73
C SER A 219 -13.38 -2.00 14.07
N CYS A 220 -13.52 -2.28 15.39
CA CYS A 220 -13.97 -3.56 15.96
C CYS A 220 -15.42 -3.91 15.47
N GLY A 221 -16.32 -2.91 15.42
CA GLY A 221 -17.68 -3.05 14.91
C GLY A 221 -17.73 -3.35 13.42
N ILE A 222 -16.88 -2.69 12.61
CA ILE A 222 -16.75 -2.93 11.18
C ILE A 222 -16.21 -4.36 10.96
N THR A 223 -15.31 -4.82 11.87
CA THR A 223 -14.74 -6.17 11.80
C THR A 223 -15.86 -7.20 12.09
N ALA A 224 -16.84 -6.81 12.91
CA ALA A 224 -17.97 -7.68 13.23
C ALA A 224 -18.93 -7.79 12.03
N ILE A 225 -19.10 -6.69 11.28
CA ILE A 225 -19.92 -6.70 10.06
C ILE A 225 -19.20 -7.54 9.01
N GLU A 226 -17.85 -7.46 8.99
CA GLU A 226 -16.98 -8.24 8.10
C GLU A 226 -17.15 -9.74 8.39
N MET A 227 -17.22 -10.14 9.67
CA MET A 227 -17.40 -11.55 10.04
C MET A 227 -18.81 -12.05 9.66
N ALA A 228 -19.79 -11.13 9.72
CA ALA A 228 -21.20 -11.37 9.43
C ALA A 228 -21.59 -11.41 7.96
N GLU A 229 -20.90 -10.61 7.13
CA GLU A 229 -21.22 -10.43 5.72
C GLU A 229 -20.09 -10.76 4.77
N GLY A 230 -18.91 -11.03 5.31
CA GLY A 230 -17.74 -11.40 4.51
C GLY A 230 -16.93 -10.24 4.02
N ALA A 231 -17.47 -9.02 4.15
CA ALA A 231 -16.80 -7.81 3.69
C ALA A 231 -17.24 -6.62 4.53
N PRO A 232 -16.39 -5.56 4.67
CA PRO A 232 -16.82 -4.39 5.44
C PRO A 232 -17.88 -3.60 4.68
N PRO A 233 -18.65 -2.70 5.33
CA PRO A 233 -19.58 -1.84 4.56
C PRO A 233 -18.77 -0.98 3.56
N LEU A 234 -19.39 -0.59 2.43
CA LEU A 234 -18.75 0.23 1.38
C LEU A 234 -17.62 -0.48 0.62
N CYS A 235 -17.48 -1.82 0.75
CA CYS A 235 -16.46 -2.63 0.05
C CYS A 235 -16.52 -2.46 -1.48
N ASP A 236 -17.75 -2.20 -2.00
CA ASP A 236 -18.05 -2.01 -3.42
C ASP A 236 -17.67 -0.62 -3.94
N MET A 237 -17.23 0.27 -3.03
CA MET A 237 -16.81 1.64 -3.33
C MET A 237 -15.31 1.67 -3.62
N HIS A 238 -14.86 2.64 -4.44
CA HIS A 238 -13.44 2.88 -4.66
C HIS A 238 -12.91 3.39 -3.30
N PRO A 239 -11.72 2.95 -2.82
CA PRO A 239 -11.26 3.37 -1.48
C PRO A 239 -11.30 4.88 -1.21
N MET A 240 -11.00 5.73 -2.23
CA MET A 240 -11.02 7.18 -2.10
C MET A 240 -12.44 7.70 -1.84
N ARG A 241 -13.44 7.08 -2.49
CA ARG A 241 -14.86 7.39 -2.35
C ARG A 241 -15.39 6.94 -0.96
N ALA A 242 -14.93 5.77 -0.47
CA ALA A 242 -15.28 5.27 0.85
C ALA A 242 -14.75 6.20 1.93
N LEU A 243 -13.54 6.75 1.73
CA LEU A 243 -12.88 7.71 2.63
C LEU A 243 -13.68 9.02 2.72
N PHE A 244 -14.32 9.42 1.60
CA PHE A 244 -15.18 10.59 1.56
C PHE A 244 -16.53 10.29 2.23
N LEU A 245 -17.07 9.06 2.04
CA LEU A 245 -18.38 8.68 2.56
C LEU A 245 -18.43 8.36 4.06
N ILE A 246 -17.40 7.68 4.62
CA ILE A 246 -17.40 7.29 6.05
C ILE A 246 -17.79 8.46 6.98
N PRO A 247 -17.18 9.66 6.90
CA PRO A 247 -17.61 10.76 7.80
C PRO A 247 -18.99 11.35 7.49
N ARG A 248 -19.47 11.16 6.27
CA ARG A 248 -20.74 11.74 5.81
C ARG A 248 -21.95 10.82 6.01
N ASN A 249 -21.75 9.51 5.84
CA ASN A 249 -22.82 8.54 5.97
C ASN A 249 -23.24 8.24 7.39
N PRO A 250 -24.52 7.83 7.60
CA PRO A 250 -24.94 7.43 8.96
C PRO A 250 -24.19 6.16 9.38
N PRO A 251 -24.26 5.73 10.68
CA PRO A 251 -23.58 4.49 11.05
C PRO A 251 -23.97 3.30 10.17
N PRO A 252 -22.98 2.50 9.70
CA PRO A 252 -23.31 1.29 8.94
C PRO A 252 -24.19 0.34 9.75
N ARG A 253 -25.03 -0.45 9.03
CA ARG A 253 -25.95 -1.42 9.61
C ARG A 253 -25.79 -2.78 8.92
N LEU A 254 -26.15 -3.87 9.63
CA LEU A 254 -26.16 -5.22 9.08
C LEU A 254 -27.32 -5.26 8.03
N LYS A 255 -27.09 -5.91 6.87
CA LYS A 255 -28.04 -6.05 5.78
C LYS A 255 -29.21 -6.97 6.19
N SER A 256 -28.90 -8.16 6.70
CA SER A 256 -29.88 -9.18 7.11
C SER A 256 -30.58 -8.88 8.43
N LYS A 257 -31.85 -9.35 8.52
CA LYS A 257 -32.70 -9.17 9.70
C LYS A 257 -32.63 -10.38 10.62
N LYS A 258 -31.95 -11.46 10.16
CA LYS A 258 -31.79 -12.72 10.87
C LYS A 258 -31.12 -12.60 12.24
N TRP A 259 -30.16 -11.66 12.37
CA TRP A 259 -29.33 -11.44 13.56
C TRP A 259 -30.13 -11.11 14.79
N SER A 260 -29.57 -11.46 15.96
CA SER A 260 -30.22 -11.20 17.24
C SER A 260 -30.23 -9.70 17.55
N LYS A 261 -31.18 -9.28 18.39
CA LYS A 261 -31.33 -7.91 18.85
C LYS A 261 -30.06 -7.47 19.56
N LYS A 262 -29.41 -8.41 20.31
CA LYS A 262 -28.17 -8.20 21.05
C LYS A 262 -27.02 -7.86 20.09
N PHE A 263 -26.97 -8.54 18.93
CA PHE A 263 -25.94 -8.31 17.90
C PHE A 263 -26.13 -6.95 17.28
N PHE A 264 -27.37 -6.57 16.91
CA PHE A 264 -27.68 -5.25 16.35
C PHE A 264 -27.27 -4.15 17.31
N SER A 265 -27.53 -4.36 18.62
CA SER A 265 -27.20 -3.39 19.67
C SER A 265 -25.69 -3.23 19.80
N PHE A 266 -24.94 -4.36 19.73
CA PHE A 266 -23.48 -4.37 19.77
C PHE A 266 -22.91 -3.55 18.59
N ILE A 267 -23.38 -3.80 17.37
CA ILE A 267 -22.98 -3.08 16.15
C ILE A 267 -23.23 -1.60 16.35
N GLU A 268 -24.45 -1.25 16.81
CA GLU A 268 -24.90 0.11 17.12
C GLU A 268 -23.97 0.77 18.15
N GLY A 269 -23.56 -0.01 19.16
CA GLY A 269 -22.67 0.41 20.23
C GLY A 269 -21.28 0.77 19.73
N CYS A 270 -20.69 -0.08 18.85
CA CYS A 270 -19.37 0.13 18.22
C CYS A 270 -19.39 1.31 17.23
N LEU A 271 -20.47 1.42 16.44
CA LEU A 271 -20.63 2.39 15.35
C LEU A 271 -21.41 3.65 15.70
N VAL A 272 -21.11 4.27 16.86
CA VAL A 272 -21.71 5.56 17.21
C VAL A 272 -20.89 6.56 16.39
N LYS A 273 -21.52 7.34 15.47
CA LYS A 273 -20.80 8.29 14.58
C LYS A 273 -19.87 9.20 15.31
N ASN A 274 -20.40 9.93 16.32
CA ASN A 274 -19.64 10.87 17.11
C ASN A 274 -18.94 10.11 18.21
N TYR A 275 -17.60 10.04 18.16
CA TYR A 275 -16.80 9.31 19.14
C TYR A 275 -16.99 9.81 20.57
N MET A 276 -17.44 11.07 20.75
CA MET A 276 -17.71 11.66 22.06
C MET A 276 -18.83 10.91 22.82
N GLN A 277 -19.77 10.26 22.10
CA GLN A 277 -20.86 9.49 22.71
C GLN A 277 -20.64 8.01 22.57
N ARG A 278 -19.51 7.60 21.96
CA ARG A 278 -19.19 6.18 21.76
C ARG A 278 -18.76 5.55 23.09
N PRO A 279 -19.24 4.35 23.43
CA PRO A 279 -18.81 3.73 24.69
C PRO A 279 -17.32 3.39 24.73
N SER A 280 -16.77 3.18 25.93
CA SER A 280 -15.37 2.80 26.16
C SER A 280 -15.22 1.30 25.92
N THR A 281 -13.98 0.77 25.88
CA THR A 281 -13.73 -0.67 25.70
C THR A 281 -14.34 -1.46 26.87
N GLU A 282 -14.22 -0.89 28.11
CA GLU A 282 -14.76 -1.49 29.32
C GLU A 282 -16.26 -1.61 29.29
N GLN A 283 -16.97 -0.56 28.78
CA GLN A 283 -18.44 -0.54 28.64
C GLN A 283 -18.89 -1.59 27.64
N LEU A 284 -18.18 -1.69 26.48
CA LEU A 284 -18.50 -2.66 25.43
C LEU A 284 -18.22 -4.10 25.85
N LEU A 285 -17.26 -4.31 26.78
CA LEU A 285 -16.94 -5.64 27.31
C LEU A 285 -18.07 -6.19 28.20
N LYS A 286 -18.93 -5.28 28.70
CA LYS A 286 -20.11 -5.59 29.52
C LYS A 286 -21.38 -5.65 28.65
N HIS A 287 -21.27 -5.49 27.32
CA HIS A 287 -22.43 -5.56 26.45
C HIS A 287 -22.97 -6.99 26.43
N PRO A 288 -24.30 -7.20 26.57
CA PRO A 288 -24.85 -8.57 26.60
C PRO A 288 -24.35 -9.52 25.52
N PHE A 289 -24.07 -8.98 24.30
CA PHE A 289 -23.56 -9.76 23.18
C PHE A 289 -22.16 -10.35 23.46
N ILE A 290 -21.34 -9.60 24.22
CA ILE A 290 -19.95 -9.90 24.60
C ILE A 290 -19.87 -10.63 25.95
N ARG A 291 -20.58 -10.11 26.96
CA ARG A 291 -20.66 -10.60 28.33
C ARG A 291 -21.32 -11.99 28.42
N ASP A 292 -22.53 -12.16 27.83
CA ASP A 292 -23.30 -13.40 27.86
C ASP A 292 -22.97 -14.36 26.71
N GLN A 293 -22.07 -15.32 26.97
CA GLN A 293 -21.66 -16.33 26.00
C GLN A 293 -21.72 -17.75 26.61
N PRO A 294 -22.94 -18.37 26.63
CA PRO A 294 -23.07 -19.71 27.23
C PRO A 294 -22.45 -20.87 26.43
N ASN A 295 -22.38 -20.74 25.09
CA ASN A 295 -21.83 -21.76 24.20
C ASN A 295 -20.36 -21.53 23.84
N GLU A 296 -19.66 -20.73 24.68
CA GLU A 296 -18.26 -20.34 24.52
C GLU A 296 -17.34 -21.54 24.24
N ARG A 297 -17.45 -22.60 25.08
CA ARG A 297 -16.64 -23.82 24.96
C ARG A 297 -16.89 -24.55 23.64
N GLN A 298 -18.18 -24.68 23.27
CA GLN A 298 -18.57 -25.31 22.01
C GLN A 298 -18.09 -24.55 20.77
N VAL A 299 -18.10 -23.18 20.78
CA VAL A 299 -17.64 -22.40 19.61
C VAL A 299 -16.13 -22.57 19.44
N ARG A 300 -15.38 -22.69 20.56
CA ARG A 300 -13.93 -22.95 20.52
C ARG A 300 -13.66 -24.28 19.80
N ILE A 301 -14.51 -25.29 20.06
CA ILE A 301 -14.45 -26.61 19.42
C ILE A 301 -14.86 -26.47 17.93
N GLN A 302 -16.00 -25.80 17.65
CA GLN A 302 -16.55 -25.54 16.31
C GLN A 302 -15.52 -24.86 15.41
N LEU A 303 -14.88 -23.77 15.91
CA LEU A 303 -13.87 -22.97 15.23
C LEU A 303 -12.66 -23.83 14.91
N LYS A 304 -12.14 -24.57 15.92
CA LYS A 304 -11.01 -25.49 15.83
C LYS A 304 -11.27 -26.51 14.72
N ASP A 305 -12.47 -27.11 14.73
CA ASP A 305 -12.93 -28.08 13.74
C ASP A 305 -12.96 -27.46 12.32
N HIS A 306 -13.38 -26.18 12.23
CA HIS A 306 -13.46 -25.45 10.97
C HIS A 306 -12.08 -25.15 10.37
N ILE A 307 -11.06 -24.86 11.20
CA ILE A 307 -9.71 -24.57 10.68
C ILE A 307 -9.04 -25.87 10.16
N ASP A 308 -9.39 -27.03 10.76
CA ASP A 308 -8.88 -28.35 10.35
C ASP A 308 -9.60 -28.79 9.09
N ARG A 309 -10.91 -28.46 8.97
CA ARG A 309 -11.77 -28.75 7.81
C ARG A 309 -11.25 -28.07 6.55
N THR A 310 -10.57 -26.91 6.71
CA THR A 310 -9.97 -26.14 5.62
C THR A 310 -8.60 -26.78 5.24
N ARG A 311 -8.62 -28.10 4.95
CA ARG A 311 -7.49 -28.91 4.55
C ARG A 311 -7.61 -29.19 3.04
N LYS A 312 -7.00 -28.28 2.23
CA LYS A 312 -6.98 -28.30 0.76
C LYS A 312 -5.86 -27.40 0.21
N ILE B 14 4.47 -12.19 -29.04
CA ILE B 14 4.00 -11.40 -27.90
C ILE B 14 2.64 -10.76 -28.19
N ASP B 15 1.64 -11.11 -27.36
CA ASP B 15 0.26 -10.59 -27.45
C ASP B 15 -0.08 -9.77 -26.22
N LEU B 16 -0.66 -8.58 -26.42
CA LEU B 16 -1.02 -7.68 -25.32
C LEU B 16 -2.49 -7.85 -24.87
N SER B 17 -3.26 -8.71 -25.57
CA SER B 17 -4.63 -9.07 -25.20
C SER B 17 -4.61 -10.52 -24.63
N SER B 18 -3.43 -10.91 -24.09
CA SER B 18 -3.07 -12.23 -23.54
C SER B 18 -3.71 -12.61 -22.20
N LEU B 19 -3.14 -13.65 -21.56
CA LEU B 19 -3.41 -14.31 -20.26
C LEU B 19 -2.84 -15.75 -20.31
N ARG B 20 -1.93 -15.99 -21.28
CA ARG B 20 -1.24 -17.27 -21.52
C ARG B 20 -0.25 -17.56 -20.38
N ASP B 21 0.18 -18.83 -20.27
CA ASP B 21 1.17 -19.24 -19.27
C ASP B 21 2.55 -18.68 -19.74
N PRO B 22 3.41 -18.18 -18.83
CA PRO B 22 4.69 -17.62 -19.27
C PRO B 22 5.76 -18.62 -19.77
N ALA B 23 5.53 -19.94 -19.55
CA ALA B 23 6.47 -21.01 -19.93
C ALA B 23 6.86 -20.97 -21.40
N GLY B 24 8.17 -20.87 -21.63
CA GLY B 24 8.73 -20.79 -22.98
C GLY B 24 8.85 -19.38 -23.50
N ILE B 25 8.18 -18.41 -22.86
CA ILE B 25 8.22 -17.01 -23.26
C ILE B 25 9.15 -16.24 -22.34
N PHE B 26 8.90 -16.30 -21.01
CA PHE B 26 9.68 -15.59 -19.97
C PHE B 26 9.95 -16.49 -18.77
N GLU B 27 10.92 -16.12 -17.92
CA GLU B 27 11.23 -16.85 -16.70
C GLU B 27 11.94 -15.97 -15.69
N LEU B 28 11.71 -16.21 -14.39
CA LEU B 28 12.31 -15.43 -13.31
C LEU B 28 13.77 -15.81 -13.09
N VAL B 29 14.70 -14.91 -13.45
CA VAL B 29 16.14 -15.14 -13.23
C VAL B 29 16.60 -14.38 -11.96
N GLU B 30 15.86 -14.62 -10.85
CA GLU B 30 16.02 -14.10 -9.50
C GLU B 30 15.26 -15.06 -8.54
N VAL B 31 15.20 -14.76 -7.22
CA VAL B 31 14.49 -15.55 -6.22
C VAL B 31 12.96 -15.56 -6.55
N VAL B 32 12.31 -16.74 -6.39
CA VAL B 32 10.89 -16.98 -6.70
C VAL B 32 9.95 -16.01 -5.93
N GLY B 33 10.05 -15.98 -4.60
CA GLY B 33 9.23 -15.12 -3.74
C GLY B 33 9.74 -15.04 -2.32
N GLY B 38 3.38 -8.58 -4.98
CA GLY B 38 3.60 -7.30 -5.64
C GLY B 38 5.05 -6.93 -5.89
N GLN B 39 5.98 -7.80 -5.46
CA GLN B 39 7.42 -7.58 -5.64
C GLN B 39 7.83 -7.80 -7.09
N VAL B 40 8.85 -7.06 -7.53
CA VAL B 40 9.36 -7.12 -8.90
C VAL B 40 10.69 -7.90 -8.94
N TYR B 41 10.78 -8.90 -9.83
CA TYR B 41 11.98 -9.70 -10.01
C TYR B 41 12.56 -9.55 -11.41
N LYS B 42 13.89 -9.65 -11.52
CA LYS B 42 14.60 -9.57 -12.79
C LYS B 42 14.34 -10.88 -13.54
N GLY B 43 13.85 -10.73 -14.75
CA GLY B 43 13.53 -11.85 -15.63
C GLY B 43 14.21 -11.73 -16.98
N ARG B 44 13.86 -12.65 -17.90
CA ARG B 44 14.40 -12.65 -19.25
C ARG B 44 13.51 -13.35 -20.26
N HIS B 45 13.61 -12.94 -21.54
CA HIS B 45 12.89 -13.57 -22.62
C HIS B 45 13.62 -14.88 -22.96
N VAL B 46 12.90 -16.02 -22.88
CA VAL B 46 13.44 -17.37 -23.09
C VAL B 46 14.20 -17.51 -24.43
N LYS B 47 13.57 -17.08 -25.54
CA LYS B 47 14.12 -17.19 -26.88
C LYS B 47 15.27 -16.25 -27.20
N THR B 48 15.30 -15.03 -26.62
CA THR B 48 16.33 -14.05 -26.95
C THR B 48 17.39 -13.82 -25.87
N GLY B 49 17.02 -14.04 -24.61
CA GLY B 49 17.89 -13.81 -23.46
C GLY B 49 17.87 -12.36 -23.00
N GLN B 50 16.99 -11.55 -23.63
CA GLN B 50 16.79 -10.12 -23.36
C GLN B 50 16.27 -9.95 -21.93
N LEU B 51 16.85 -8.99 -21.19
CA LEU B 51 16.46 -8.68 -19.82
C LEU B 51 15.10 -7.98 -19.76
N ALA B 52 14.33 -8.26 -18.71
CA ALA B 52 13.02 -7.66 -18.48
C ALA B 52 12.79 -7.47 -17.01
N ALA B 53 11.84 -6.59 -16.65
CA ALA B 53 11.38 -6.35 -15.28
C ALA B 53 10.03 -7.06 -15.18
N ILE B 54 9.87 -7.95 -14.19
CA ILE B 54 8.61 -8.70 -14.04
C ILE B 54 7.99 -8.52 -12.64
N LYS B 55 6.73 -8.02 -12.60
CA LYS B 55 5.96 -7.83 -11.37
C LYS B 55 5.10 -9.07 -11.18
N VAL B 56 5.16 -9.67 -9.98
CA VAL B 56 4.44 -10.91 -9.64
C VAL B 56 3.45 -10.67 -8.49
N MET B 57 2.16 -11.00 -8.71
CA MET B 57 1.10 -10.84 -7.72
C MET B 57 0.23 -12.08 -7.57
N ASP B 58 -0.15 -12.44 -6.34
CA ASP B 58 -1.04 -13.56 -6.05
C ASP B 58 -2.47 -13.14 -6.37
N VAL B 59 -3.10 -13.81 -7.35
CA VAL B 59 -4.48 -13.51 -7.78
C VAL B 59 -5.45 -14.67 -7.51
N THR B 60 -6.66 -14.32 -7.03
CA THR B 60 -7.73 -15.27 -6.75
C THR B 60 -8.43 -15.62 -8.07
N GLU B 61 -9.40 -16.56 -8.01
CA GLU B 61 -10.19 -16.99 -9.18
C GLU B 61 -11.07 -15.86 -9.71
N ASP B 62 -11.66 -15.06 -8.79
CA ASP B 62 -12.51 -13.91 -9.12
C ASP B 62 -11.66 -12.77 -9.69
N GLU B 63 -10.43 -12.60 -9.16
CA GLU B 63 -9.46 -11.59 -9.62
C GLU B 63 -8.97 -11.84 -11.05
N GLU B 64 -8.94 -13.11 -11.49
CA GLU B 64 -8.54 -13.46 -12.87
C GLU B 64 -9.64 -13.05 -13.87
N GLU B 65 -10.90 -13.06 -13.43
CA GLU B 65 -12.04 -12.64 -14.24
C GLU B 65 -11.98 -11.12 -14.47
N GLU B 66 -11.59 -10.37 -13.43
CA GLU B 66 -11.41 -8.91 -13.44
C GLU B 66 -10.32 -8.57 -14.46
N ILE B 67 -9.26 -9.39 -14.51
CA ILE B 67 -8.14 -9.25 -15.44
C ILE B 67 -8.63 -9.45 -16.88
N LYS B 68 -9.53 -10.43 -17.11
CA LYS B 68 -10.12 -10.72 -18.43
C LYS B 68 -10.87 -9.50 -18.95
N LEU B 69 -11.71 -8.89 -18.10
CA LEU B 69 -12.49 -7.69 -18.39
C LEU B 69 -11.57 -6.48 -18.63
N GLU B 70 -10.55 -6.27 -17.78
CA GLU B 70 -9.60 -5.17 -17.91
C GLU B 70 -8.73 -5.32 -19.14
N ILE B 71 -8.53 -6.58 -19.62
CA ILE B 71 -7.77 -6.83 -20.84
C ILE B 71 -8.61 -6.32 -22.03
N ASN B 72 -9.94 -6.45 -21.93
CA ASN B 72 -10.87 -5.91 -22.93
C ASN B 72 -10.87 -4.37 -22.93
N MET B 73 -10.53 -3.74 -21.78
CA MET B 73 -10.51 -2.28 -21.62
C MET B 73 -9.16 -1.65 -22.05
N LEU B 74 -8.16 -2.49 -22.38
CA LEU B 74 -6.83 -2.04 -22.78
C LEU B 74 -6.81 -1.23 -24.07
N LYS B 75 -6.06 -0.12 -24.07
CA LYS B 75 -5.89 0.73 -25.23
C LYS B 75 -4.60 0.34 -25.97
N LYS B 76 -4.54 0.62 -27.26
CA LYS B 76 -3.36 0.27 -28.06
C LYS B 76 -2.40 1.44 -28.26
N TYR B 77 -1.11 1.15 -28.08
CA TYR B 77 -0.03 2.12 -28.26
C TYR B 77 1.27 1.44 -28.48
N SER B 78 2.05 1.98 -29.42
CA SER B 78 3.36 1.47 -29.82
C SER B 78 4.46 1.67 -28.77
N HIS B 79 5.68 1.26 -29.13
CA HIS B 79 6.85 1.44 -28.29
C HIS B 79 7.18 2.93 -28.38
N HIS B 80 7.81 3.44 -27.34
CA HIS B 80 8.27 4.81 -27.30
C HIS B 80 9.53 4.81 -26.47
N ARG B 81 10.53 5.60 -26.89
CA ARG B 81 11.83 5.70 -26.23
C ARG B 81 11.76 6.21 -24.78
N ASN B 82 10.65 6.84 -24.39
CA ASN B 82 10.46 7.35 -23.03
C ASN B 82 9.52 6.51 -22.18
N ILE B 83 9.11 5.36 -22.70
CA ILE B 83 8.26 4.44 -21.95
C ILE B 83 8.93 3.07 -21.95
N ALA B 84 9.28 2.57 -20.74
CA ALA B 84 9.83 1.22 -20.57
C ALA B 84 8.71 0.28 -21.04
N THR B 85 8.88 -0.29 -22.25
CA THR B 85 7.89 -1.10 -22.99
C THR B 85 7.21 -2.18 -22.14
N TYR B 86 5.85 -2.13 -22.07
CA TYR B 86 5.03 -3.16 -21.41
C TYR B 86 4.86 -4.26 -22.43
N TYR B 87 5.25 -5.47 -22.04
CA TYR B 87 5.25 -6.66 -22.87
C TYR B 87 3.95 -7.44 -22.80
N GLY B 88 3.39 -7.58 -21.60
CA GLY B 88 2.11 -8.27 -21.49
C GLY B 88 1.81 -8.87 -20.13
N ALA B 89 0.65 -9.54 -20.07
CA ALA B 89 0.19 -10.22 -18.87
C ALA B 89 0.19 -11.71 -19.07
N PHE B 90 0.80 -12.42 -18.14
CA PHE B 90 0.86 -13.87 -18.12
C PHE B 90 0.33 -14.40 -16.79
N ILE B 91 -0.06 -15.68 -16.71
CA ILE B 91 -0.53 -16.34 -15.48
C ILE B 91 0.28 -17.63 -15.24
N LYS B 92 1.02 -17.69 -14.11
CA LYS B 92 1.78 -18.87 -13.71
C LYS B 92 0.86 -19.68 -12.79
N LYS B 93 0.44 -20.86 -13.28
CA LYS B 93 -0.50 -21.75 -12.58
C LYS B 93 0.01 -22.34 -11.26
N SER B 94 -0.94 -22.79 -10.44
CA SER B 94 -0.77 -23.44 -9.14
C SER B 94 -1.90 -24.52 -9.02
N PRO B 95 -1.80 -25.55 -8.11
CA PRO B 95 -2.86 -26.59 -8.04
C PRO B 95 -4.32 -26.07 -7.99
N PRO B 96 -5.33 -26.82 -8.52
CA PRO B 96 -6.72 -26.31 -8.50
C PRO B 96 -7.26 -26.04 -7.09
N GLY B 97 -7.54 -24.77 -6.83
CA GLY B 97 -7.99 -24.27 -5.54
C GLY B 97 -6.94 -23.43 -4.84
N HIS B 98 -5.79 -23.19 -5.53
CA HIS B 98 -4.66 -22.38 -5.05
C HIS B 98 -4.58 -21.03 -5.79
N ASP B 99 -3.98 -20.01 -5.12
CA ASP B 99 -3.79 -18.66 -5.66
C ASP B 99 -2.70 -18.63 -6.72
N ASP B 100 -3.11 -18.49 -8.00
CA ASP B 100 -2.20 -18.39 -9.15
C ASP B 100 -1.48 -17.04 -9.09
N GLN B 101 -0.39 -16.88 -9.83
CA GLN B 101 0.31 -15.60 -9.82
C GLN B 101 0.29 -14.90 -11.17
N LEU B 102 -0.07 -13.60 -11.15
CA LEU B 102 -0.14 -12.72 -12.32
C LEU B 102 1.25 -12.17 -12.60
N TRP B 103 1.67 -12.22 -13.86
CA TRP B 103 2.95 -11.72 -14.31
C TRP B 103 2.73 -10.54 -15.25
N LEU B 104 3.44 -9.44 -14.98
CA LEU B 104 3.39 -8.24 -15.80
C LEU B 104 4.82 -7.94 -16.17
N VAL B 105 5.12 -8.00 -17.46
CA VAL B 105 6.48 -7.87 -17.99
C VAL B 105 6.71 -6.54 -18.71
N MET B 106 7.88 -5.94 -18.47
CA MET B 106 8.26 -4.63 -18.99
C MET B 106 9.78 -4.58 -19.30
N GLU B 107 10.22 -3.66 -20.20
CA GLU B 107 11.62 -3.41 -20.56
C GLU B 107 12.42 -3.08 -19.30
N PHE B 108 13.62 -3.65 -19.17
CA PHE B 108 14.49 -3.46 -18.02
C PHE B 108 15.31 -2.17 -18.12
N CYS B 109 15.34 -1.42 -17.00
CA CYS B 109 16.04 -0.14 -16.90
C CYS B 109 17.04 -0.26 -15.76
N GLY B 110 18.25 -0.65 -16.14
CA GLY B 110 19.36 -0.95 -15.26
C GLY B 110 19.78 0.03 -14.17
N ALA B 111 19.80 1.34 -14.49
CA ALA B 111 20.25 2.38 -13.57
C ALA B 111 19.28 2.78 -12.43
N GLY B 112 18.08 2.21 -12.42
CA GLY B 112 17.10 2.53 -11.37
C GLY B 112 16.32 3.82 -11.53
N SER B 113 15.57 4.22 -10.49
CA SER B 113 14.67 5.38 -10.51
C SER B 113 15.37 6.72 -10.40
N ILE B 114 14.64 7.81 -10.76
CA ILE B 114 15.14 9.19 -10.63
C ILE B 114 15.20 9.56 -9.13
N THR B 115 14.37 8.89 -8.25
CA THR B 115 14.40 9.09 -6.80
C THR B 115 15.76 8.62 -6.30
N ASP B 116 16.24 7.45 -6.81
CA ASP B 116 17.55 6.88 -6.51
C ASP B 116 18.64 7.85 -6.94
N LEU B 117 18.46 8.48 -8.12
CA LEU B 117 19.35 9.49 -8.66
C LEU B 117 19.48 10.71 -7.75
N VAL B 118 18.36 11.22 -7.18
CA VAL B 118 18.42 12.39 -6.28
C VAL B 118 18.90 11.99 -4.87
N LYS B 119 18.73 10.70 -4.47
CA LYS B 119 19.17 10.21 -3.17
C LYS B 119 20.69 10.02 -3.13
N ASN B 120 21.26 9.64 -4.29
CA ASN B 120 22.69 9.41 -4.49
C ASN B 120 23.38 10.70 -5.01
N THR B 121 22.88 11.87 -4.57
CA THR B 121 23.43 13.16 -4.95
C THR B 121 23.59 13.99 -3.69
N LYS B 122 24.75 14.69 -3.59
CA LYS B 122 25.09 15.56 -2.46
C LYS B 122 24.01 16.65 -2.33
N GLY B 123 23.50 16.79 -1.11
CA GLY B 123 22.46 17.76 -0.78
C GLY B 123 21.08 17.44 -1.31
N ASN B 124 20.89 16.20 -1.84
CA ASN B 124 19.63 15.65 -2.38
C ASN B 124 18.88 16.66 -3.27
N THR B 125 19.60 17.18 -4.27
CA THR B 125 19.11 18.14 -5.24
C THR B 125 19.83 17.88 -6.54
N LEU B 126 19.15 18.09 -7.67
CA LEU B 126 19.76 17.90 -8.98
C LEU B 126 19.96 19.26 -9.61
N LYS B 127 20.96 19.34 -10.53
CA LYS B 127 21.24 20.57 -11.26
C LYS B 127 19.99 20.91 -12.07
N GLU B 128 19.66 22.19 -12.21
CA GLU B 128 18.49 22.65 -12.94
C GLU B 128 18.39 22.09 -14.36
N ASP B 129 19.53 22.04 -15.10
CA ASP B 129 19.55 21.50 -16.46
C ASP B 129 19.24 20.00 -16.51
N TRP B 130 19.55 19.26 -15.42
CA TRP B 130 19.20 17.84 -15.29
C TRP B 130 17.68 17.71 -15.15
N ILE B 131 17.06 18.60 -14.32
CA ILE B 131 15.61 18.65 -14.08
C ILE B 131 14.90 18.96 -15.40
N ALA B 132 15.45 19.89 -16.21
CA ALA B 132 14.92 20.27 -17.50
C ALA B 132 14.92 19.09 -18.49
N TYR B 133 16.03 18.31 -18.53
CA TYR B 133 16.18 17.16 -19.42
C TYR B 133 15.24 16.05 -18.99
N ILE B 134 15.26 15.67 -17.71
CA ILE B 134 14.41 14.61 -17.17
C ILE B 134 12.91 14.93 -17.36
N SER B 135 12.45 16.13 -16.97
CA SER B 135 11.06 16.55 -17.11
C SER B 135 10.55 16.45 -18.54
N ARG B 136 11.36 16.90 -19.53
CA ARG B 136 11.03 16.83 -20.96
C ARG B 136 10.86 15.39 -21.42
N GLU B 137 11.72 14.47 -20.91
CA GLU B 137 11.63 13.05 -21.26
C GLU B 137 10.34 12.42 -20.69
N ILE B 138 9.96 12.80 -19.44
CA ILE B 138 8.71 12.37 -18.79
C ILE B 138 7.55 12.91 -19.64
N LEU B 139 7.62 14.19 -20.00
CA LEU B 139 6.58 14.82 -20.81
C LEU B 139 6.38 14.14 -22.16
N ARG B 140 7.50 13.80 -22.85
CA ARG B 140 7.47 13.12 -24.15
C ARG B 140 6.81 11.74 -24.07
N GLY B 141 7.12 10.98 -23.02
CA GLY B 141 6.50 9.69 -22.77
C GLY B 141 5.02 9.85 -22.47
N LEU B 142 4.67 10.93 -21.71
CA LEU B 142 3.28 11.23 -21.38
C LEU B 142 2.47 11.62 -22.59
N ALA B 143 3.05 12.42 -23.50
CA ALA B 143 2.40 12.85 -24.74
C ALA B 143 2.01 11.62 -25.57
N HIS B 144 2.92 10.64 -25.66
CA HIS B 144 2.68 9.38 -26.36
C HIS B 144 1.51 8.61 -25.77
N LEU B 145 1.41 8.55 -24.43
CA LEU B 145 0.30 7.87 -23.75
C LEU B 145 -0.99 8.63 -23.95
N HIS B 146 -0.96 9.96 -23.78
CA HIS B 146 -2.12 10.85 -23.89
C HIS B 146 -2.73 10.89 -25.29
N ILE B 147 -1.87 10.87 -26.33
CA ILE B 147 -2.30 10.83 -27.72
C ILE B 147 -2.97 9.48 -28.03
N HIS B 148 -2.71 8.45 -27.20
CA HIS B 148 -3.27 7.11 -27.33
C HIS B 148 -4.41 6.85 -26.32
N HIS B 149 -4.90 7.95 -25.69
CA HIS B 149 -6.01 8.07 -24.74
C HIS B 149 -5.79 7.28 -23.45
N VAL B 150 -4.54 7.35 -22.92
CA VAL B 150 -4.10 6.63 -21.71
C VAL B 150 -3.57 7.63 -20.69
N ILE B 151 -3.98 7.47 -19.41
CA ILE B 151 -3.49 8.27 -18.30
C ILE B 151 -2.51 7.36 -17.56
N HIS B 152 -1.30 7.85 -17.27
CA HIS B 152 -0.32 7.06 -16.50
C HIS B 152 -0.86 6.80 -15.07
N ARG B 153 -1.39 7.84 -14.41
CA ARG B 153 -2.01 7.80 -13.08
C ARG B 153 -1.03 7.68 -11.90
N ASP B 154 0.27 7.45 -12.15
CA ASP B 154 1.22 7.33 -11.04
C ASP B 154 2.59 7.91 -11.37
N ILE B 155 2.60 9.14 -11.87
CA ILE B 155 3.85 9.83 -12.15
C ILE B 155 4.44 10.31 -10.81
N LYS B 156 5.61 9.79 -10.50
CA LYS B 156 6.40 10.06 -9.29
C LYS B 156 7.82 9.66 -9.64
N GLY B 157 8.79 10.14 -8.88
CA GLY B 157 10.20 9.82 -9.13
C GLY B 157 10.57 8.35 -9.14
N GLN B 158 9.87 7.55 -8.31
CA GLN B 158 10.07 6.10 -8.25
C GLN B 158 9.62 5.41 -9.53
N ASN B 159 8.66 6.00 -10.29
CA ASN B 159 8.16 5.43 -11.56
C ASN B 159 8.79 6.04 -12.81
N VAL B 160 9.89 6.77 -12.61
CA VAL B 160 10.64 7.34 -13.73
C VAL B 160 12.03 6.70 -13.62
N LEU B 161 12.33 5.75 -14.54
CA LEU B 161 13.58 4.97 -14.56
C LEU B 161 14.64 5.41 -15.58
N LEU B 162 15.91 5.11 -15.29
CA LEU B 162 17.05 5.37 -16.16
C LEU B 162 17.63 4.05 -16.65
N THR B 163 18.10 4.03 -17.90
CA THR B 163 18.79 2.87 -18.48
C THR B 163 20.27 3.08 -18.24
N GLU B 164 21.10 2.10 -18.68
CA GLU B 164 22.56 2.13 -18.58
C GLU B 164 23.12 3.32 -19.37
N ASN B 165 22.46 3.68 -20.49
CA ASN B 165 22.83 4.77 -21.40
C ASN B 165 22.08 6.10 -21.17
N ALA B 166 21.73 6.42 -19.90
CA ALA B 166 21.04 7.66 -19.43
C ALA B 166 19.73 8.02 -20.20
N GLU B 167 18.99 7.00 -20.65
CA GLU B 167 17.71 7.23 -21.30
C GLU B 167 16.68 7.27 -20.18
N VAL B 168 15.70 8.18 -20.29
CA VAL B 168 14.63 8.32 -19.28
C VAL B 168 13.38 7.56 -19.75
N LYS B 169 12.89 6.62 -18.94
CA LYS B 169 11.72 5.81 -19.30
C LYS B 169 10.71 5.71 -18.19
N LEU B 170 9.44 5.82 -18.55
CA LEU B 170 8.32 5.74 -17.62
C LEU B 170 7.96 4.28 -17.39
N VAL B 171 7.73 3.89 -16.11
CA VAL B 171 7.30 2.56 -15.70
C VAL B 171 5.93 2.29 -16.34
N ASP B 172 5.79 1.13 -16.98
CA ASP B 172 4.55 0.71 -17.61
C ASP B 172 4.34 -0.81 -17.48
N PHE B 173 3.47 -1.18 -16.51
CA PHE B 173 3.03 -2.53 -16.24
C PHE B 173 1.55 -2.62 -16.64
N GLY B 174 1.24 -2.10 -17.83
CA GLY B 174 -0.10 -2.07 -18.40
C GLY B 174 -0.96 -0.93 -17.89
N VAL B 175 -0.42 0.30 -17.95
CA VAL B 175 -1.03 1.55 -17.47
C VAL B 175 -2.46 1.83 -18.04
N SER B 176 -2.80 1.33 -19.25
CA SER B 176 -4.13 1.57 -19.83
C SER B 176 -5.28 0.76 -19.17
N ALA B 177 -4.95 -0.23 -18.33
CA ALA B 177 -5.97 -1.00 -17.62
C ALA B 177 -5.77 -1.00 -16.10
N GLN B 178 -4.58 -0.57 -15.62
CA GLN B 178 -4.21 -0.49 -14.20
C GLN B 178 -4.19 -1.88 -13.54
N LEU B 179 -3.72 -2.89 -14.27
CA LEU B 179 -3.67 -4.30 -13.84
C LEU B 179 -2.89 -4.51 -12.55
N ASP B 180 -1.81 -3.75 -12.34
CA ASP B 180 -0.98 -3.79 -11.13
C ASP B 180 -1.57 -2.97 -9.97
N ARG B 181 -2.77 -2.36 -10.18
CA ARG B 181 -3.43 -1.53 -9.17
C ARG B 181 -4.91 -1.91 -8.90
N THR B 182 -5.41 -2.98 -9.51
CA THR B 182 -6.79 -3.44 -9.34
C THR B 182 -6.89 -4.83 -8.66
N VAL B 183 -5.74 -5.53 -8.52
CA VAL B 183 -5.69 -6.86 -7.91
C VAL B 183 -4.66 -6.90 -6.77
N GLY B 184 -4.80 -7.89 -5.90
CA GLY B 184 -3.95 -8.03 -4.72
C GLY B 184 -4.56 -7.30 -3.55
N ARG B 185 -3.99 -7.49 -2.34
CA ARG B 185 -4.52 -6.84 -1.13
C ARG B 185 -4.29 -5.34 -1.18
N ARG B 186 -3.13 -4.93 -1.74
CA ARG B 186 -2.69 -3.54 -1.92
C ARG B 186 -3.61 -2.71 -2.88
N ASN B 187 -4.57 -3.37 -3.57
CA ASN B 187 -5.51 -2.73 -4.49
C ASN B 187 -6.54 -1.83 -3.80
N THR B 188 -6.96 -2.18 -2.57
CA THR B 188 -7.94 -1.47 -1.72
C THR B 188 -7.30 -0.35 -0.85
N PHE B 189 -5.98 -0.17 -0.95
CA PHE B 189 -5.23 0.83 -0.21
C PHE B 189 -5.28 2.13 -0.98
N ILE B 190 -5.28 3.26 -0.26
CA ILE B 190 -5.26 4.59 -0.87
C ILE B 190 -3.90 4.90 -1.52
N GLY B 191 -2.81 4.44 -0.94
CA GLY B 191 -1.45 4.64 -1.46
C GLY B 191 -0.83 5.92 -0.98
N THR B 192 0.32 6.30 -1.55
CA THR B 192 1.02 7.54 -1.17
C THR B 192 0.29 8.75 -1.78
N PRO B 193 -0.03 9.82 -1.00
CA PRO B 193 -0.78 10.94 -1.57
C PRO B 193 0.01 12.10 -2.22
N TYR B 194 1.31 12.19 -2.00
CA TYR B 194 2.14 13.35 -2.30
C TYR B 194 2.20 13.80 -3.76
N TRP B 195 2.10 12.90 -4.72
CA TRP B 195 2.15 13.29 -6.15
C TRP B 195 0.73 13.38 -6.76
N MET B 196 -0.30 13.19 -5.91
CA MET B 196 -1.71 13.24 -6.32
C MET B 196 -2.19 14.66 -6.63
N ALA B 197 -2.92 14.79 -7.74
CA ALA B 197 -3.50 16.06 -8.15
C ALA B 197 -4.74 16.35 -7.30
N PRO B 198 -5.12 17.63 -7.07
CA PRO B 198 -6.30 17.92 -6.25
C PRO B 198 -7.58 17.21 -6.68
N GLU B 199 -7.81 17.04 -7.99
CA GLU B 199 -9.01 16.40 -8.55
C GLU B 199 -9.11 14.90 -8.33
N VAL B 200 -8.00 14.23 -8.02
CA VAL B 200 -8.03 12.78 -7.81
C VAL B 200 -8.41 12.46 -6.34
N ILE B 201 -8.42 13.47 -5.47
CA ILE B 201 -8.75 13.37 -4.06
C ILE B 201 -10.21 13.80 -3.85
N ALA B 202 -11.05 12.92 -3.28
CA ALA B 202 -12.45 13.24 -3.04
C ALA B 202 -12.61 14.12 -1.79
N CYS B 203 -13.36 15.22 -1.92
CA CYS B 203 -13.59 16.21 -0.87
C CYS B 203 -14.94 16.89 -1.06
N ASP B 204 -15.33 17.85 -0.17
CA ASP B 204 -16.62 18.55 -0.17
C ASP B 204 -17.11 19.03 -1.55
N GLU B 205 -16.23 19.70 -2.32
CA GLU B 205 -16.59 20.22 -3.65
C GLU B 205 -16.21 19.26 -4.80
N ASN B 206 -15.59 18.11 -4.46
CA ASN B 206 -15.21 17.08 -5.43
C ASN B 206 -15.66 15.68 -4.90
N PRO B 207 -16.98 15.41 -4.70
CA PRO B 207 -17.39 14.11 -4.13
C PRO B 207 -17.00 12.85 -4.92
N ASP B 208 -16.56 13.04 -6.18
CA ASP B 208 -16.12 11.98 -7.08
C ASP B 208 -14.78 12.33 -7.70
N ALA B 209 -13.78 11.46 -7.51
CA ALA B 209 -12.44 11.59 -8.06
C ALA B 209 -12.48 11.53 -9.60
N THR B 210 -12.34 12.71 -10.20
CA THR B 210 -12.35 13.01 -11.63
C THR B 210 -10.95 12.98 -12.26
N TYR B 211 -10.42 11.76 -12.50
CA TYR B 211 -9.15 11.51 -13.19
C TYR B 211 -9.20 11.97 -14.65
N ASP B 212 -8.12 12.61 -15.07
CA ASP B 212 -7.98 13.20 -16.38
C ASP B 212 -6.52 13.08 -16.80
N TYR B 213 -6.26 13.22 -18.11
CA TYR B 213 -4.88 13.18 -18.61
C TYR B 213 -3.99 14.28 -17.96
N ARG B 214 -4.58 15.45 -17.60
CA ARG B 214 -3.84 16.55 -16.97
C ARG B 214 -3.43 16.29 -15.55
N SER B 215 -3.95 15.22 -14.93
CA SER B 215 -3.58 14.78 -13.58
C SER B 215 -2.10 14.40 -13.59
N ASP B 216 -1.59 13.83 -14.72
CA ASP B 216 -0.19 13.42 -14.87
C ASP B 216 0.74 14.62 -14.90
N LEU B 217 0.21 15.76 -15.38
CA LEU B 217 0.97 17.01 -15.49
C LEU B 217 1.21 17.65 -14.14
N TRP B 218 0.27 17.50 -13.19
CA TRP B 218 0.42 17.97 -11.80
C TRP B 218 1.51 17.10 -11.19
N SER B 219 1.38 15.77 -11.35
CA SER B 219 2.38 14.80 -10.86
C SER B 219 3.77 15.14 -11.34
N CYS B 220 3.90 15.54 -12.64
N CYS B 220 3.91 15.55 -12.64
CA CYS B 220 5.14 15.97 -13.30
CA CYS B 220 5.17 15.99 -13.23
C CYS B 220 5.78 17.19 -12.60
C CYS B 220 5.79 17.14 -12.46
N GLY B 221 4.95 18.13 -12.14
CA GLY B 221 5.39 19.31 -11.38
C GLY B 221 5.87 18.95 -9.98
N ILE B 222 5.23 17.94 -9.35
CA ILE B 222 5.62 17.44 -8.04
C ILE B 222 6.94 16.64 -8.18
N THR B 223 7.09 15.89 -9.30
CA THR B 223 8.31 15.12 -9.56
C THR B 223 9.50 16.09 -9.80
N ALA B 224 9.21 17.28 -10.34
CA ALA B 224 10.24 18.28 -10.58
C ALA B 224 10.69 18.92 -9.26
N ILE B 225 9.75 19.12 -8.32
CA ILE B 225 10.07 19.63 -6.98
C ILE B 225 10.88 18.54 -6.24
N GLU B 226 10.52 17.26 -6.46
CA GLU B 226 11.20 16.09 -5.91
C GLU B 226 12.65 16.05 -6.40
N MET B 227 12.91 16.33 -7.68
CA MET B 227 14.27 16.36 -8.24
C MET B 227 15.08 17.54 -7.68
N ALA B 228 14.40 18.64 -7.38
CA ALA B 228 14.95 19.89 -6.87
C ALA B 228 15.24 19.91 -5.37
N GLU B 229 14.41 19.20 -4.57
CA GLU B 229 14.48 19.23 -3.12
C GLU B 229 14.70 17.87 -2.48
N GLY B 230 14.65 16.81 -3.29
CA GLY B 230 14.85 15.44 -2.82
C GLY B 230 13.60 14.76 -2.31
N ALA B 231 12.53 15.54 -2.12
CA ALA B 231 11.25 15.05 -1.58
C ALA B 231 10.10 15.88 -2.13
N PRO B 232 8.88 15.29 -2.24
CA PRO B 232 7.74 16.07 -2.73
C PRO B 232 7.27 17.09 -1.68
N PRO B 233 6.48 18.13 -2.04
CA PRO B 233 5.96 19.04 -1.00
C PRO B 233 5.09 18.28 -0.01
N LEU B 234 5.01 18.77 1.24
CA LEU B 234 4.22 18.16 2.32
C LEU B 234 4.75 16.78 2.78
N CYS B 235 5.96 16.38 2.38
CA CYS B 235 6.61 15.11 2.79
C CYS B 235 6.67 14.94 4.33
N ASP B 236 6.75 16.07 5.06
CA ASP B 236 6.84 16.17 6.52
C ASP B 236 5.47 15.98 7.21
N MET B 237 4.40 15.94 6.42
CA MET B 237 3.03 15.75 6.87
C MET B 237 2.69 14.27 6.95
N HIS B 238 1.75 13.91 7.84
CA HIS B 238 1.22 12.55 7.93
C HIS B 238 0.43 12.37 6.60
N PRO B 239 0.53 11.21 5.91
CA PRO B 239 -0.14 11.08 4.60
C PRO B 239 -1.63 11.49 4.59
N MET B 240 -2.39 11.20 5.69
CA MET B 240 -3.82 11.54 5.82
C MET B 240 -4.04 13.05 5.83
N ARG B 241 -3.13 13.78 6.49
CA ARG B 241 -3.10 15.23 6.60
C ARG B 241 -2.72 15.88 5.24
N ALA B 242 -1.75 15.30 4.51
CA ALA B 242 -1.34 15.75 3.18
C ALA B 242 -2.52 15.60 2.20
N LEU B 243 -3.29 14.50 2.33
CA LEU B 243 -4.46 14.20 1.50
C LEU B 243 -5.55 15.24 1.72
N PHE B 244 -5.66 15.75 2.95
CA PHE B 244 -6.61 16.79 3.30
C PHE B 244 -6.11 18.15 2.79
N LEU B 245 -4.79 18.40 2.86
CA LEU B 245 -4.22 19.68 2.45
C LEU B 245 -4.07 19.91 0.93
N ILE B 246 -3.71 18.88 0.15
CA ILE B 246 -3.52 19.02 -1.31
C ILE B 246 -4.70 19.77 -1.99
N PRO B 247 -5.99 19.38 -1.81
CA PRO B 247 -7.08 20.13 -2.46
C PRO B 247 -7.33 21.52 -1.88
N ARG B 248 -6.90 21.76 -0.64
CA ARG B 248 -7.15 23.02 0.08
C ARG B 248 -6.07 24.06 -0.08
N ASN B 249 -4.83 23.63 -0.12
CA ASN B 249 -3.70 24.54 -0.23
C ASN B 249 -3.54 25.15 -1.61
N PRO B 250 -2.95 26.38 -1.71
CA PRO B 250 -2.65 26.92 -3.04
C PRO B 250 -1.57 26.04 -3.72
N PRO B 251 -1.30 26.19 -5.03
CA PRO B 251 -0.26 25.36 -5.65
C PRO B 251 1.07 25.35 -4.89
N PRO B 252 1.67 24.15 -4.69
CA PRO B 252 2.99 24.09 -4.05
C PRO B 252 4.04 24.91 -4.83
N ARG B 253 5.05 25.39 -4.10
CA ARG B 253 6.16 26.19 -4.63
C ARG B 253 7.52 25.64 -4.14
N LEU B 254 8.58 25.93 -4.90
CA LEU B 254 9.96 25.61 -4.55
C LEU B 254 10.32 26.47 -3.33
N LYS B 255 11.03 25.88 -2.36
CA LYS B 255 11.47 26.54 -1.12
C LYS B 255 12.54 27.60 -1.42
N SER B 256 13.61 27.21 -2.15
CA SER B 256 14.74 28.07 -2.49
C SER B 256 14.43 29.10 -3.59
N LYS B 257 15.11 30.25 -3.51
CA LYS B 257 14.98 31.35 -4.45
C LYS B 257 16.05 31.30 -5.52
N LYS B 258 17.02 30.37 -5.37
CA LYS B 258 18.15 30.15 -6.27
C LYS B 258 17.73 29.85 -7.72
N TRP B 259 16.63 29.10 -7.90
CA TRP B 259 16.11 28.61 -9.18
C TRP B 259 15.81 29.71 -10.18
N SER B 260 15.89 29.37 -11.47
CA SER B 260 15.63 30.31 -12.54
C SER B 260 14.15 30.64 -12.61
N LYS B 261 13.85 31.81 -13.19
CA LYS B 261 12.48 32.31 -13.40
C LYS B 261 11.71 31.30 -14.27
N LYS B 262 12.40 30.70 -15.25
CA LYS B 262 11.89 29.70 -16.18
C LYS B 262 11.43 28.45 -15.45
N PHE B 263 12.21 28.01 -14.42
CA PHE B 263 11.90 26.85 -13.60
C PHE B 263 10.67 27.11 -12.75
N PHE B 264 10.59 28.28 -12.10
CA PHE B 264 9.43 28.68 -11.29
C PHE B 264 8.18 28.69 -12.14
N SER B 265 8.28 29.19 -13.39
CA SER B 265 7.18 29.27 -14.33
C SER B 265 6.70 27.88 -14.73
N PHE B 266 7.64 26.94 -14.97
CA PHE B 266 7.36 25.54 -15.31
C PHE B 266 6.56 24.87 -14.18
N ILE B 267 7.03 25.02 -12.93
CA ILE B 267 6.39 24.50 -11.73
C ILE B 267 4.95 25.03 -11.66
N GLU B 268 4.81 26.34 -11.83
CA GLU B 268 3.55 27.08 -11.81
C GLU B 268 2.59 26.57 -12.90
N GLY B 269 3.16 26.26 -14.07
CA GLY B 269 2.44 25.74 -15.22
C GLY B 269 1.84 24.38 -14.97
N CYS B 270 2.61 23.48 -14.34
CA CYS B 270 2.19 22.13 -14.00
C CYS B 270 1.14 22.15 -12.88
N LEU B 271 1.46 22.89 -11.85
CA LEU B 271 0.68 22.94 -10.64
C LEU B 271 -0.47 23.96 -10.66
N VAL B 272 -1.29 23.94 -11.73
CA VAL B 272 -2.50 24.78 -11.78
C VAL B 272 -3.51 23.95 -10.97
N LYS B 273 -4.07 24.51 -9.88
CA LYS B 273 -5.01 23.82 -8.99
C LYS B 273 -6.19 23.17 -9.72
N ASN B 274 -6.93 23.96 -10.50
CA ASN B 274 -8.09 23.48 -11.26
C ASN B 274 -7.58 22.91 -12.57
N TYR B 275 -7.76 21.60 -12.76
CA TYR B 275 -7.30 20.88 -13.95
C TYR B 275 -7.93 21.37 -15.25
N MET B 276 -9.10 22.00 -15.18
CA MET B 276 -9.79 22.57 -16.35
C MET B 276 -8.99 23.74 -16.94
N GLN B 277 -8.16 24.34 -16.09
CA GLN B 277 -7.32 25.47 -16.41
C GLN B 277 -5.84 25.11 -16.46
N ARG B 278 -5.52 23.80 -16.44
CA ARG B 278 -4.14 23.30 -16.51
C ARG B 278 -3.72 23.06 -17.97
N PRO B 279 -2.49 23.43 -18.38
CA PRO B 279 -2.09 23.19 -19.78
C PRO B 279 -1.99 21.70 -20.12
N SER B 280 -2.01 21.40 -21.42
CA SER B 280 -1.89 20.06 -21.96
C SER B 280 -0.41 19.69 -21.98
N THR B 281 -0.10 18.42 -22.28
CA THR B 281 1.29 17.94 -22.39
C THR B 281 2.00 18.67 -23.53
N GLU B 282 1.30 18.90 -24.66
CA GLU B 282 1.83 19.59 -25.83
C GLU B 282 2.20 21.03 -25.52
N GLN B 283 1.36 21.74 -24.73
CA GLN B 283 1.60 23.13 -24.32
C GLN B 283 2.83 23.22 -23.42
N LEU B 284 2.94 22.28 -22.45
CA LEU B 284 4.08 22.24 -21.52
C LEU B 284 5.38 21.83 -22.18
N LEU B 285 5.30 21.07 -23.31
CA LEU B 285 6.49 20.66 -24.08
C LEU B 285 7.13 21.87 -24.79
N LYS B 286 6.34 22.95 -24.99
CA LYS B 286 6.76 24.22 -25.59
C LYS B 286 7.17 25.25 -24.51
N HIS B 287 7.15 24.87 -23.23
CA HIS B 287 7.53 25.79 -22.16
C HIS B 287 9.04 26.07 -22.26
N PRO B 288 9.48 27.37 -22.17
CA PRO B 288 10.93 27.68 -22.30
C PRO B 288 11.87 26.81 -21.49
N PHE B 289 11.46 26.36 -20.29
CA PHE B 289 12.24 25.49 -19.41
C PHE B 289 12.52 24.12 -20.06
N ILE B 290 11.54 23.62 -20.83
CA ILE B 290 11.53 22.32 -21.52
C ILE B 290 12.08 22.42 -22.96
N ARG B 291 11.58 23.41 -23.70
CA ARG B 291 11.92 23.71 -25.09
C ARG B 291 13.39 24.14 -25.26
N ASP B 292 13.84 25.14 -24.47
CA ASP B 292 15.21 25.70 -24.55
C ASP B 292 16.22 24.98 -23.64
N GLN B 293 16.96 24.02 -24.20
CA GLN B 293 17.97 23.24 -23.47
C GLN B 293 19.30 23.22 -24.24
N PRO B 294 20.14 24.27 -24.07
CA PRO B 294 21.40 24.35 -24.84
C PRO B 294 22.50 23.37 -24.42
N ASN B 295 22.53 22.98 -23.13
CA ASN B 295 23.54 22.07 -22.57
C ASN B 295 23.05 20.61 -22.53
N GLU B 296 22.03 20.29 -23.35
CA GLU B 296 21.41 18.96 -23.47
C GLU B 296 22.44 17.84 -23.64
N ARG B 297 23.38 18.00 -24.59
CA ARG B 297 24.43 17.02 -24.88
C ARG B 297 25.32 16.77 -23.66
N GLN B 298 25.76 17.87 -23.00
CA GLN B 298 26.60 17.79 -21.81
C GLN B 298 25.87 17.14 -20.63
N VAL B 299 24.53 17.38 -20.50
CA VAL B 299 23.69 16.80 -19.44
C VAL B 299 23.60 15.27 -19.64
N ARG B 300 23.42 14.81 -20.89
CA ARG B 300 23.40 13.38 -21.22
C ARG B 300 24.73 12.67 -20.85
N ILE B 301 25.87 13.42 -20.91
CA ILE B 301 27.20 12.96 -20.51
C ILE B 301 27.29 12.98 -18.97
N GLN B 302 26.89 14.11 -18.32
CA GLN B 302 26.87 14.30 -16.86
C GLN B 302 26.08 13.19 -16.15
N LEU B 303 24.92 12.80 -16.74
CA LEU B 303 24.08 11.73 -16.23
C LEU B 303 24.69 10.36 -16.46
N LYS B 304 25.29 10.14 -17.65
CA LYS B 304 25.98 8.89 -17.97
C LYS B 304 27.19 8.67 -17.06
N ASP B 305 27.86 9.76 -16.67
CA ASP B 305 29.00 9.76 -15.76
C ASP B 305 28.55 9.31 -14.36
N HIS B 306 27.35 9.71 -13.92
CA HIS B 306 26.77 9.34 -12.62
C HIS B 306 26.49 7.84 -12.55
N ILE B 307 25.88 7.26 -13.61
CA ILE B 307 25.53 5.83 -13.70
C ILE B 307 26.81 4.98 -13.56
N ASP B 308 27.90 5.40 -14.24
CA ASP B 308 29.19 4.73 -14.21
C ASP B 308 29.88 4.84 -12.85
N ARG B 309 29.87 6.04 -12.24
CA ARG B 309 30.47 6.29 -10.92
C ARG B 309 29.82 5.44 -9.82
N THR B 310 28.48 5.24 -9.89
CA THR B 310 27.68 4.46 -8.93
C THR B 310 27.72 2.95 -9.19
N ARG B 311 28.18 2.53 -10.40
CA ARG B 311 28.28 1.12 -10.81
C ARG B 311 29.48 0.37 -10.15
N LYS B 312 29.73 0.63 -8.84
CA LYS B 312 30.81 0.04 -8.05
C LYS B 312 30.56 0.16 -6.54
#